data_1IYB
#
_entry.id   1IYB
#
_cell.length_a   44.800
_cell.length_b   94.300
_cell.length_c   98.100
_cell.angle_alpha   90.00
_cell.angle_beta   90.00
_cell.angle_gamma   90.00
#
_symmetry.space_group_name_H-M   'P 21 21 21'
#
loop_
_entity.id
_entity.type
_entity.pdbx_description
1 polymer Ribonuclease
2 non-polymer "GUANOSINE-5'-MONOPHOSPHATE"
3 water water
#
_entity_poly.entity_id   1
_entity_poly.type   'polypeptide(L)'
_entity_poly.pdbx_seq_one_letter_code
;YVEFAQDFDFFYFVQQWPGSYCDTKQSCCYPKTGKPASDFGIHGLWPNNNDGSYPSNCDSNSPYDQSQVSDLISRMQQNW
PTLACPSGTGSAFWSHEWEKHGTCAENVFDQHGYFKKALDLKNQINLLEILQGAGIHPDGGFYSLNSIKNAIRSAIGYAP
GIECNVDESGNSQLYQIYICVDGSGSNLIECPIFPRGKCGSSIEFPTF
;
_entity_poly.pdbx_strand_id   A,B
#
# COMPACT_ATOMS: atom_id res chain seq x y z
N TYR A 1 3.31 -25.05 -19.63
CA TYR A 1 3.78 -23.91 -18.80
C TYR A 1 2.58 -23.21 -18.17
N VAL A 2 2.80 -22.58 -17.02
CA VAL A 2 1.72 -21.88 -16.34
C VAL A 2 1.54 -20.48 -16.92
N GLU A 3 0.31 -20.16 -17.30
CA GLU A 3 -0.02 -18.85 -17.86
C GLU A 3 -0.62 -17.99 -16.76
N PHE A 4 -0.05 -16.80 -16.56
CA PHE A 4 -0.54 -15.90 -15.53
C PHE A 4 -1.34 -14.77 -16.14
N ALA A 5 -2.47 -14.43 -15.52
CA ALA A 5 -3.34 -13.37 -16.00
C ALA A 5 -2.83 -12.01 -15.57
N GLN A 6 -3.21 -10.97 -16.31
CA GLN A 6 -2.80 -9.61 -15.99
C GLN A 6 -3.38 -9.22 -14.64
N ASP A 7 -2.57 -8.56 -13.82
CA ASP A 7 -3.01 -8.16 -12.49
C ASP A 7 -3.64 -6.77 -12.39
N PHE A 8 -4.00 -6.20 -13.53
CA PHE A 8 -4.62 -4.87 -13.54
C PHE A 8 -5.51 -4.68 -14.77
N ASP A 9 -6.36 -3.67 -14.73
CA ASP A 9 -7.29 -3.40 -15.84
C ASP A 9 -6.88 -2.24 -16.76
N PHE A 10 -6.45 -1.12 -16.17
CA PHE A 10 -6.07 0.05 -16.96
C PHE A 10 -4.99 0.84 -16.21
N PHE A 11 -4.50 1.91 -16.82
CA PHE A 11 -3.49 2.75 -16.16
C PHE A 11 -4.01 4.16 -15.92
N TYR A 12 -3.51 4.77 -14.86
CA TYR A 12 -3.77 6.18 -14.57
C TYR A 12 -2.44 6.82 -14.93
N PHE A 13 -2.43 7.79 -15.84
CA PHE A 13 -1.19 8.50 -16.15
C PHE A 13 -1.36 9.76 -15.31
N VAL A 14 -0.52 9.89 -14.27
CA VAL A 14 -0.63 11.01 -13.33
C VAL A 14 0.46 12.06 -13.42
N GLN A 15 0.03 13.32 -13.50
CA GLN A 15 0.96 14.45 -13.55
C GLN A 15 0.69 15.39 -12.37
N GLN A 16 1.76 15.96 -11.83
CA GLN A 16 1.64 16.87 -10.69
C GLN A 16 2.05 18.29 -11.03
N TRP A 17 1.40 19.25 -10.38
CA TRP A 17 1.71 20.66 -10.58
C TRP A 17 2.71 21.05 -9.49
N PRO A 18 3.95 21.39 -9.88
CA PRO A 18 4.94 21.78 -8.87
C PRO A 18 4.53 22.91 -7.93
N GLY A 19 3.76 23.86 -8.45
CA GLY A 19 3.32 24.97 -7.61
C GLY A 19 2.46 24.53 -6.44
N SER A 20 1.78 23.40 -6.58
CA SER A 20 0.91 22.89 -5.52
C SER A 20 1.61 21.89 -4.61
N TYR A 21 2.73 21.33 -5.08
CA TYR A 21 3.47 20.38 -4.26
C TYR A 21 4.37 21.18 -3.32
N CYS A 22 4.75 22.38 -3.77
CA CYS A 22 5.67 23.23 -3.02
C CYS A 22 5.13 24.37 -2.15
N ASP A 23 3.83 24.54 -2.08
CA ASP A 23 3.28 25.63 -1.28
C ASP A 23 2.44 25.18 -0.09
N THR A 24 2.72 23.99 0.42
CA THR A 24 1.98 23.47 1.56
C THR A 24 2.80 23.71 2.83
N LYS A 25 2.32 23.19 3.95
CA LYS A 25 3.03 23.34 5.22
C LYS A 25 4.28 22.49 5.26
N GLN A 26 4.33 21.48 4.40
CA GLN A 26 5.49 20.59 4.32
C GLN A 26 6.54 21.19 3.40
N SER A 27 7.78 20.75 3.55
CA SER A 27 8.85 21.26 2.71
C SER A 27 8.97 20.52 1.40
N CYS A 28 9.48 21.21 0.39
CA CYS A 28 9.73 20.64 -0.93
C CYS A 28 11.12 21.15 -1.26
N CYS A 29 11.86 20.42 -2.08
CA CYS A 29 13.22 20.79 -2.47
C CYS A 29 13.39 20.63 -3.97
N TYR A 30 14.01 21.62 -4.61
CA TYR A 30 14.24 21.52 -6.05
C TYR A 30 15.36 20.50 -6.29
N PRO A 31 15.38 19.88 -7.48
CA PRO A 31 16.43 18.91 -7.80
C PRO A 31 17.78 19.62 -7.69
N LYS A 32 18.87 18.86 -7.61
CA LYS A 32 20.19 19.47 -7.49
C LYS A 32 20.50 20.45 -8.61
N THR A 33 19.96 20.19 -9.79
CA THR A 33 20.18 21.04 -10.95
C THR A 33 19.42 22.37 -10.98
N GLY A 34 18.52 22.57 -10.01
CA GLY A 34 17.78 23.82 -9.94
C GLY A 34 16.27 23.72 -10.07
N LYS A 35 15.62 24.88 -10.04
CA LYS A 35 14.17 24.96 -10.15
C LYS A 35 13.67 24.37 -11.45
N PRO A 36 12.75 23.39 -11.36
CA PRO A 36 12.22 22.77 -12.58
C PRO A 36 11.42 23.79 -13.39
N ALA A 37 11.20 23.49 -14.67
CA ALA A 37 10.41 24.38 -15.52
C ALA A 37 9.01 24.46 -14.93
N SER A 38 8.35 25.60 -15.13
CA SER A 38 6.99 25.77 -14.61
C SER A 38 5.96 25.06 -15.48
N ASP A 39 6.05 23.73 -15.49
CA ASP A 39 5.13 22.89 -16.25
C ASP A 39 4.76 21.73 -15.35
N PHE A 40 3.72 20.99 -15.72
CA PHE A 40 3.36 19.82 -14.93
C PHE A 40 4.51 18.83 -15.11
N GLY A 41 4.73 18.00 -14.10
CA GLY A 41 5.77 16.99 -14.18
C GLY A 41 5.12 15.62 -14.02
N ILE A 42 5.75 14.59 -14.53
CA ILE A 42 5.21 13.24 -14.40
C ILE A 42 5.29 12.76 -12.95
N HIS A 43 4.23 12.13 -12.47
CA HIS A 43 4.29 11.55 -11.14
C HIS A 43 4.53 10.07 -11.44
N GLY A 44 3.65 9.48 -12.25
CA GLY A 44 3.82 8.08 -12.63
C GLY A 44 2.73 7.51 -13.52
N LEU A 45 2.94 6.27 -13.95
CA LEU A 45 1.99 5.51 -14.78
C LEU A 45 1.56 4.39 -13.84
N TRP A 46 0.32 4.46 -13.39
CA TRP A 46 -0.18 3.52 -12.39
C TRP A 46 -1.21 2.47 -12.76
N PRO A 47 -0.83 1.19 -12.70
CA PRO A 47 -1.81 0.14 -13.03
C PRO A 47 -2.94 0.25 -11.99
N ASN A 48 -4.20 0.12 -12.44
CA ASN A 48 -5.35 0.22 -11.54
C ASN A 48 -6.41 -0.78 -11.97
N ASN A 49 -7.36 -1.06 -11.08
CA ASN A 49 -8.44 -2.00 -11.37
C ASN A 49 -9.75 -1.23 -11.56
N ASN A 50 -10.68 -1.83 -12.30
CA ASN A 50 -11.97 -1.18 -12.54
C ASN A 50 -12.75 -0.90 -11.26
N ASP A 51 -12.54 -1.70 -10.22
CA ASP A 51 -13.27 -1.49 -8.98
C ASP A 51 -12.67 -0.44 -8.05
N GLY A 52 -11.61 0.23 -8.52
CA GLY A 52 -10.99 1.26 -7.70
C GLY A 52 -9.73 0.82 -6.99
N SER A 53 -9.60 -0.47 -6.73
CA SER A 53 -8.42 -0.99 -6.05
C SER A 53 -7.27 -0.97 -7.06
N TYR A 54 -6.06 -1.21 -6.59
CA TYR A 54 -4.91 -1.24 -7.49
C TYR A 54 -3.79 -2.09 -6.91
N PRO A 55 -3.03 -2.78 -7.78
CA PRO A 55 -1.93 -3.61 -7.31
C PRO A 55 -0.72 -2.72 -7.03
N SER A 56 0.15 -3.15 -6.12
CA SER A 56 1.36 -2.38 -5.83
C SER A 56 2.50 -3.29 -5.37
N ASN A 57 3.72 -2.90 -5.73
CA ASN A 57 4.94 -3.65 -5.39
C ASN A 57 4.79 -5.10 -5.80
N CYS A 58 4.59 -5.32 -7.09
CA CYS A 58 4.33 -6.63 -7.65
C CYS A 58 5.48 -7.61 -7.93
N ASP A 59 6.72 -7.14 -7.93
CA ASP A 59 7.83 -8.07 -8.22
C ASP A 59 9.14 -7.66 -7.56
N SER A 60 9.42 -8.25 -6.40
CA SER A 60 10.64 -7.94 -5.65
C SER A 60 11.92 -8.35 -6.38
N ASN A 61 11.80 -9.18 -7.40
CA ASN A 61 12.97 -9.62 -8.14
C ASN A 61 13.20 -8.86 -9.43
N SER A 62 12.51 -7.72 -9.55
CA SER A 62 12.66 -6.85 -10.71
C SER A 62 12.98 -5.46 -10.20
N PRO A 63 14.14 -5.31 -9.55
CA PRO A 63 14.54 -4.00 -9.02
C PRO A 63 14.84 -2.98 -10.12
N TYR A 64 14.67 -1.70 -9.80
CA TYR A 64 14.96 -0.63 -10.74
C TYR A 64 16.41 -0.74 -11.19
N ASP A 65 16.64 -0.60 -12.49
CA ASP A 65 17.98 -0.66 -13.07
C ASP A 65 18.13 0.52 -14.02
N GLN A 66 18.67 1.63 -13.53
CA GLN A 66 18.81 2.82 -14.35
C GLN A 66 19.59 2.62 -15.64
N SER A 67 20.48 1.63 -15.68
CA SER A 67 21.25 1.39 -16.90
C SER A 67 20.34 1.01 -18.07
N GLN A 68 19.18 0.43 -17.77
CA GLN A 68 18.23 0.02 -18.81
C GLN A 68 17.48 1.19 -19.44
N VAL A 69 17.59 2.38 -18.84
CA VAL A 69 16.91 3.56 -19.37
C VAL A 69 17.87 4.75 -19.51
N SER A 70 19.16 4.46 -19.62
CA SER A 70 20.16 5.52 -19.74
C SER A 70 19.87 6.49 -20.89
N ASP A 71 19.31 6.00 -21.99
CA ASP A 71 19.01 6.82 -23.14
C ASP A 71 17.78 7.71 -22.93
N LEU A 72 17.10 7.52 -21.81
CA LEU A 72 15.90 8.30 -21.51
C LEU A 72 16.12 9.28 -20.37
N ILE A 73 17.26 9.17 -19.69
CA ILE A 73 17.57 10.03 -18.55
C ILE A 73 17.46 11.53 -18.78
N SER A 74 18.02 12.04 -19.87
CA SER A 74 17.93 13.49 -20.11
C SER A 74 16.48 13.95 -20.18
N ARG A 75 15.63 13.13 -20.81
CA ARG A 75 14.21 13.48 -20.94
C ARG A 75 13.50 13.36 -19.59
N MET A 76 13.92 12.40 -18.79
CA MET A 76 13.33 12.18 -17.47
C MET A 76 13.73 13.30 -16.52
N GLN A 77 14.94 13.82 -16.69
CA GLN A 77 15.40 14.92 -15.84
C GLN A 77 14.55 16.16 -16.07
N GLN A 78 14.15 16.37 -17.32
CA GLN A 78 13.33 17.52 -17.66
C GLN A 78 11.84 17.34 -17.38
N ASN A 79 11.33 16.14 -17.62
CA ASN A 79 9.90 15.86 -17.47
C ASN A 79 9.40 15.10 -16.24
N TRP A 80 10.32 14.53 -15.48
CA TRP A 80 9.96 13.75 -14.30
C TRP A 80 10.81 14.17 -13.09
N PRO A 81 10.81 15.47 -12.77
CA PRO A 81 11.63 15.91 -11.63
C PRO A 81 11.09 15.49 -10.27
N THR A 82 12.01 15.39 -9.31
CA THR A 82 11.64 15.05 -7.94
C THR A 82 11.65 16.36 -7.15
N LEU A 83 10.66 16.54 -6.28
CA LEU A 83 10.55 17.74 -5.48
C LEU A 83 10.64 17.43 -3.99
N ALA A 84 11.11 16.23 -3.67
CA ALA A 84 11.25 15.81 -2.27
C ALA A 84 12.57 16.32 -1.68
N CYS A 85 12.64 16.39 -0.35
CA CYS A 85 13.85 16.86 0.32
C CYS A 85 14.64 15.70 0.90
N PRO A 86 15.98 15.79 0.89
CA PRO A 86 16.76 16.93 0.37
C PRO A 86 16.86 16.86 -1.15
N SER A 87 17.35 17.94 -1.77
CA SER A 87 17.49 18.00 -3.22
C SER A 87 18.05 16.70 -3.78
N GLY A 88 17.35 16.11 -4.74
CA GLY A 88 17.82 14.86 -5.32
C GLY A 88 18.11 14.89 -6.81
N THR A 89 18.53 13.75 -7.34
CA THR A 89 18.84 13.62 -8.75
C THR A 89 17.57 13.22 -9.51
N GLY A 90 16.70 12.50 -8.82
CA GLY A 90 15.47 12.02 -9.40
C GLY A 90 15.40 10.50 -9.37
N SER A 91 16.57 9.86 -9.28
CA SER A 91 16.65 8.39 -9.27
C SER A 91 15.80 7.68 -8.20
N ALA A 92 15.75 8.22 -6.99
CA ALA A 92 14.97 7.59 -5.93
C ALA A 92 13.49 7.63 -6.29
N PHE A 93 13.06 8.72 -6.92
CA PHE A 93 11.68 8.89 -7.31
C PHE A 93 11.34 7.91 -8.44
N TRP A 94 12.20 7.86 -9.46
CA TRP A 94 11.98 6.96 -10.60
C TRP A 94 12.00 5.50 -10.14
N SER A 95 12.93 5.16 -9.25
CA SER A 95 13.03 3.80 -8.75
C SER A 95 11.74 3.42 -8.02
N HIS A 96 11.26 4.34 -7.19
CA HIS A 96 10.02 4.11 -6.43
C HIS A 96 8.84 3.86 -7.37
N GLU A 97 8.71 4.66 -8.42
CA GLU A 97 7.61 4.48 -9.35
C GLU A 97 7.70 3.14 -10.09
N TRP A 98 8.90 2.71 -10.44
CA TRP A 98 9.02 1.44 -11.12
C TRP A 98 8.69 0.28 -10.19
N GLU A 99 9.30 0.29 -9.00
CA GLU A 99 9.08 -0.80 -8.06
C GLU A 99 7.65 -0.91 -7.52
N LYS A 100 7.02 0.23 -7.26
CA LYS A 100 5.65 0.19 -6.74
C LYS A 100 4.59 -0.01 -7.82
N HIS A 101 4.78 0.64 -8.96
CA HIS A 101 3.79 0.57 -10.04
C HIS A 101 4.22 -0.17 -11.32
N GLY A 102 5.40 0.17 -11.85
CA GLY A 102 5.86 -0.48 -13.06
C GLY A 102 5.88 -2.00 -13.01
N THR A 103 6.34 -2.56 -11.90
CA THR A 103 6.40 -4.01 -11.77
C THR A 103 5.04 -4.66 -11.93
N CYS A 104 3.98 -3.91 -11.66
CA CYS A 104 2.62 -4.45 -11.77
C CYS A 104 2.12 -4.49 -13.21
N ALA A 105 2.95 -4.04 -14.15
CA ALA A 105 2.60 -4.06 -15.57
C ALA A 105 3.75 -4.66 -16.37
N GLU A 106 4.59 -5.43 -15.70
CA GLU A 106 5.76 -6.09 -16.30
C GLU A 106 5.46 -6.90 -17.55
N ASN A 107 4.25 -7.44 -17.63
CA ASN A 107 3.84 -8.26 -18.76
C ASN A 107 3.56 -7.40 -19.99
N VAL A 108 3.42 -6.11 -19.78
CA VAL A 108 3.12 -5.17 -20.87
C VAL A 108 4.35 -4.34 -21.26
N PHE A 109 5.07 -3.83 -20.26
CA PHE A 109 6.25 -3.02 -20.51
C PHE A 109 7.42 -3.43 -19.63
N ASP A 110 8.64 -3.46 -20.17
CA ASP A 110 9.80 -3.73 -19.33
C ASP A 110 10.18 -2.34 -18.85
N GLN A 111 11.31 -2.18 -18.17
CA GLN A 111 11.67 -0.86 -17.65
C GLN A 111 11.80 0.22 -18.72
N HIS A 112 12.52 -0.07 -19.80
CA HIS A 112 12.68 0.93 -20.85
C HIS A 112 11.32 1.30 -21.45
N GLY A 113 10.48 0.30 -21.70
CA GLY A 113 9.17 0.55 -22.27
C GLY A 113 8.25 1.34 -21.36
N TYR A 114 8.36 1.09 -20.06
CA TYR A 114 7.54 1.77 -19.06
C TYR A 114 7.86 3.26 -19.02
N PHE A 115 9.14 3.58 -18.82
CA PHE A 115 9.54 4.98 -18.76
C PHE A 115 9.33 5.68 -20.10
N LYS A 116 9.58 4.97 -21.20
CA LYS A 116 9.37 5.58 -22.51
C LYS A 116 7.89 5.92 -22.72
N LYS A 117 7.00 5.01 -22.33
CA LYS A 117 5.58 5.27 -22.50
C LYS A 117 5.17 6.50 -21.70
N ALA A 118 5.66 6.60 -20.46
CA ALA A 118 5.33 7.74 -19.62
C ALA A 118 5.80 9.04 -20.27
N LEU A 119 7.01 9.01 -20.84
CA LEU A 119 7.57 10.18 -21.50
C LEU A 119 6.76 10.56 -22.74
N ASP A 120 6.34 9.54 -23.49
CA ASP A 120 5.56 9.80 -24.71
C ASP A 120 4.19 10.37 -24.37
N LEU A 121 3.57 9.85 -23.30
CA LEU A 121 2.27 10.35 -22.86
C LEU A 121 2.40 11.80 -22.40
N LYS A 122 3.53 12.10 -21.75
CA LYS A 122 3.80 13.45 -21.25
C LYS A 122 3.85 14.45 -22.41
N ASN A 123 4.53 14.08 -23.48
CA ASN A 123 4.64 14.95 -24.64
C ASN A 123 3.30 15.05 -25.36
N GLN A 124 2.53 13.97 -25.32
CA GLN A 124 1.21 13.90 -25.95
C GLN A 124 0.18 14.76 -25.22
N ILE A 125 0.32 14.83 -23.90
CA ILE A 125 -0.62 15.57 -23.06
C ILE A 125 0.05 16.71 -22.30
N ASN A 126 0.23 17.84 -22.97
CA ASN A 126 0.85 19.01 -22.35
C ASN A 126 -0.26 19.78 -21.65
N LEU A 127 -0.43 19.51 -20.36
CA LEU A 127 -1.49 20.14 -19.58
C LEU A 127 -1.37 21.65 -19.43
N LEU A 128 -0.16 22.16 -19.24
CA LEU A 128 0.01 23.60 -19.09
C LEU A 128 -0.47 24.31 -20.36
N GLU A 129 -0.06 23.81 -21.52
CA GLU A 129 -0.46 24.43 -22.77
C GLU A 129 -1.95 24.30 -23.05
N ILE A 130 -2.54 23.16 -22.68
CA ILE A 130 -3.97 22.95 -22.87
C ILE A 130 -4.73 23.95 -22.01
N LEU A 131 -4.34 24.06 -20.75
CA LEU A 131 -5.03 24.96 -19.84
C LEU A 131 -4.84 26.42 -20.20
N GLN A 132 -3.62 26.82 -20.52
CA GLN A 132 -3.40 28.22 -20.88
C GLN A 132 -4.10 28.55 -22.21
N GLY A 133 -4.30 27.54 -23.04
CA GLY A 133 -4.97 27.75 -24.30
C GLY A 133 -6.43 28.11 -24.09
N ALA A 134 -6.94 27.79 -22.89
CA ALA A 134 -8.33 28.07 -22.55
C ALA A 134 -8.43 29.22 -21.54
N GLY A 135 -7.33 29.93 -21.34
CA GLY A 135 -7.34 31.06 -20.42
C GLY A 135 -7.21 30.68 -18.95
N ILE A 136 -6.73 29.47 -18.70
CA ILE A 136 -6.55 28.98 -17.33
C ILE A 136 -5.05 28.95 -17.08
N HIS A 137 -4.55 29.96 -16.37
CA HIS A 137 -3.11 30.06 -16.11
C HIS A 137 -2.73 29.91 -14.64
N PRO A 138 -1.49 29.46 -14.39
CA PRO A 138 -0.98 29.27 -13.03
C PRO A 138 -0.52 30.61 -12.49
N ASP A 139 -1.49 31.50 -12.25
CA ASP A 139 -1.24 32.84 -11.75
C ASP A 139 -1.83 33.09 -10.36
N GLY A 140 -2.12 32.01 -9.64
CA GLY A 140 -2.69 32.16 -8.32
C GLY A 140 -4.19 32.43 -8.34
N GLY A 141 -4.76 32.52 -9.54
CA GLY A 141 -6.18 32.77 -9.66
C GLY A 141 -7.01 31.54 -9.38
N PHE A 142 -8.33 31.71 -9.28
CA PHE A 142 -9.22 30.59 -9.03
C PHE A 142 -10.04 30.26 -10.27
N TYR A 143 -10.22 28.96 -10.50
CA TYR A 143 -10.96 28.49 -11.65
C TYR A 143 -11.93 27.40 -11.24
N SER A 144 -13.02 27.26 -11.99
CA SER A 144 -14.01 26.24 -11.65
C SER A 144 -13.44 24.88 -12.04
N LEU A 145 -13.78 23.87 -11.25
CA LEU A 145 -13.32 22.51 -11.49
C LEU A 145 -13.77 22.07 -12.89
N ASN A 146 -15.01 22.37 -13.23
CA ASN A 146 -15.53 21.98 -14.53
C ASN A 146 -14.82 22.64 -15.72
N SER A 147 -14.35 23.88 -15.54
CA SER A 147 -13.66 24.57 -16.63
C SER A 147 -12.34 23.84 -16.93
N ILE A 148 -11.69 23.36 -15.87
CA ILE A 148 -10.43 22.65 -16.00
C ILE A 148 -10.66 21.31 -16.68
N LYS A 149 -11.66 20.58 -16.21
CA LYS A 149 -11.98 19.27 -16.79
C LYS A 149 -12.36 19.39 -18.26
N ASN A 150 -13.23 20.33 -18.58
CA ASN A 150 -13.70 20.49 -19.95
C ASN A 150 -12.67 21.03 -20.93
N ALA A 151 -11.75 21.87 -20.44
CA ALA A 151 -10.70 22.40 -21.31
C ALA A 151 -9.85 21.21 -21.77
N ILE A 152 -9.57 20.31 -20.83
CA ILE A 152 -8.76 19.13 -21.14
C ILE A 152 -9.52 18.15 -22.03
N ARG A 153 -10.80 17.93 -21.73
CA ARG A 153 -11.61 17.02 -22.53
C ARG A 153 -11.70 17.49 -23.98
N SER A 154 -11.90 18.78 -24.18
CA SER A 154 -12.00 19.31 -25.54
C SER A 154 -10.70 19.15 -26.30
N ALA A 155 -9.58 19.20 -25.58
CA ALA A 155 -8.27 19.08 -26.20
C ALA A 155 -7.83 17.66 -26.54
N ILE A 156 -7.92 16.75 -25.58
CA ILE A 156 -7.48 15.37 -25.82
C ILE A 156 -8.61 14.39 -26.15
N GLY A 157 -9.85 14.80 -25.93
CA GLY A 157 -10.98 13.94 -26.25
C GLY A 157 -11.44 12.99 -25.16
N TYR A 158 -10.86 13.11 -23.96
CA TYR A 158 -11.23 12.26 -22.83
C TYR A 158 -11.34 13.09 -21.56
N ALA A 159 -12.23 12.66 -20.66
CA ALA A 159 -12.45 13.37 -19.41
C ALA A 159 -11.37 13.02 -18.37
N PRO A 160 -10.69 14.03 -17.83
CA PRO A 160 -9.64 13.79 -16.84
C PRO A 160 -10.16 13.72 -15.40
N GLY A 161 -9.30 13.19 -14.54
CA GLY A 161 -9.61 13.11 -13.12
C GLY A 161 -8.78 14.24 -12.50
N ILE A 162 -9.38 15.02 -11.61
CA ILE A 162 -8.67 16.13 -10.98
C ILE A 162 -8.54 15.92 -9.47
N GLU A 163 -7.31 16.03 -8.96
CA GLU A 163 -7.05 15.87 -7.53
C GLU A 163 -6.54 17.17 -6.97
N CYS A 164 -7.03 17.54 -5.79
CA CYS A 164 -6.63 18.77 -5.13
C CYS A 164 -6.00 18.50 -3.77
N ASN A 165 -5.19 19.45 -3.33
CA ASN A 165 -4.60 19.37 -1.99
C ASN A 165 -4.75 20.79 -1.44
N VAL A 166 -4.20 21.05 -0.26
CA VAL A 166 -4.34 22.38 0.33
C VAL A 166 -3.01 23.07 0.51
N ASP A 167 -2.99 24.37 0.26
CA ASP A 167 -1.75 25.15 0.43
C ASP A 167 -1.67 25.57 1.89
N GLU A 168 -0.72 26.47 2.20
CA GLU A 168 -0.57 26.93 3.57
C GLU A 168 -1.74 27.81 4.00
N SER A 169 -2.23 28.64 3.09
CA SER A 169 -3.34 29.54 3.38
C SER A 169 -4.69 28.81 3.52
N GLY A 170 -4.66 27.49 3.35
CA GLY A 170 -5.89 26.71 3.48
C GLY A 170 -6.73 26.63 2.22
N ASN A 171 -6.26 27.24 1.14
CA ASN A 171 -6.98 27.23 -0.12
C ASN A 171 -6.86 25.90 -0.86
N SER A 172 -7.97 25.46 -1.45
CA SER A 172 -7.98 24.23 -2.22
C SER A 172 -7.32 24.58 -3.55
N GLN A 173 -6.44 23.69 -4.03
CA GLN A 173 -5.72 23.98 -5.26
C GLN A 173 -5.55 22.79 -6.19
N LEU A 174 -5.40 23.09 -7.47
CA LEU A 174 -5.19 22.07 -8.51
C LEU A 174 -3.84 21.41 -8.23
N TYR A 175 -3.86 20.12 -7.89
CA TYR A 175 -2.63 19.40 -7.56
C TYR A 175 -2.19 18.37 -8.60
N GLN A 176 -3.04 17.39 -8.89
CA GLN A 176 -2.67 16.37 -9.88
C GLN A 176 -3.80 16.14 -10.87
N ILE A 177 -3.42 15.71 -12.07
CA ILE A 177 -4.39 15.42 -13.12
C ILE A 177 -4.16 14.00 -13.63
N TYR A 178 -5.24 13.23 -13.67
CA TYR A 178 -5.23 11.84 -14.08
C TYR A 178 -5.86 11.63 -15.46
N ILE A 179 -5.18 10.87 -16.32
CA ILE A 179 -5.68 10.54 -17.65
C ILE A 179 -5.59 9.02 -17.76
N CYS A 180 -6.65 8.38 -18.25
CA CYS A 180 -6.61 6.91 -18.34
C CYS A 180 -6.11 6.33 -19.65
N VAL A 181 -5.36 5.23 -19.54
CA VAL A 181 -4.78 4.53 -20.67
C VAL A 181 -5.25 3.07 -20.59
N ASP A 182 -5.56 2.46 -21.73
CA ASP A 182 -6.03 1.08 -21.71
C ASP A 182 -4.98 0.09 -21.20
N GLY A 183 -5.44 -1.06 -20.72
CA GLY A 183 -4.55 -2.08 -20.19
C GLY A 183 -3.40 -2.53 -21.07
N SER A 184 -3.57 -2.43 -22.39
CA SER A 184 -2.50 -2.83 -23.31
C SER A 184 -1.48 -1.71 -23.43
N GLY A 185 -1.82 -0.55 -22.88
CA GLY A 185 -0.95 0.61 -22.93
C GLY A 185 -0.85 1.23 -24.31
N SER A 186 -1.77 0.86 -25.19
CA SER A 186 -1.75 1.35 -26.56
C SER A 186 -2.48 2.67 -26.82
N ASN A 187 -3.57 2.91 -26.10
CA ASN A 187 -4.35 4.12 -26.34
C ASN A 187 -5.07 4.64 -25.11
N LEU A 188 -5.48 5.91 -25.17
CA LEU A 188 -6.21 6.52 -24.07
C LEU A 188 -7.61 5.93 -24.04
N ILE A 189 -8.24 5.97 -22.87
CA ILE A 189 -9.60 5.48 -22.70
C ILE A 189 -10.28 6.33 -21.63
N GLU A 190 -11.61 6.28 -21.60
CA GLU A 190 -12.34 7.00 -20.57
C GLU A 190 -12.05 6.21 -19.30
N CYS A 191 -11.92 6.92 -18.18
CA CYS A 191 -11.65 6.25 -16.92
C CYS A 191 -12.86 5.48 -16.41
N PRO A 192 -12.69 4.18 -16.11
CA PRO A 192 -13.79 3.35 -15.62
C PRO A 192 -14.24 3.82 -14.23
N ILE A 193 -13.34 4.50 -13.54
CA ILE A 193 -13.62 5.01 -12.20
C ILE A 193 -12.61 6.11 -11.86
N PHE A 194 -13.03 7.04 -11.01
CA PHE A 194 -12.20 8.17 -10.59
C PHE A 194 -12.01 8.17 -9.07
N PRO A 195 -10.79 8.50 -8.60
CA PRO A 195 -10.56 8.51 -7.15
C PRO A 195 -11.17 9.80 -6.57
N ARG A 196 -11.26 9.88 -5.26
CA ARG A 196 -11.81 11.07 -4.60
C ARG A 196 -10.86 12.23 -4.89
N GLY A 197 -11.36 13.26 -5.56
CA GLY A 197 -10.51 14.40 -5.89
C GLY A 197 -10.25 15.36 -4.74
N LYS A 198 -11.22 15.50 -3.84
CA LYS A 198 -11.10 16.42 -2.71
C LYS A 198 -11.01 17.87 -3.16
N CYS A 199 -11.70 18.20 -4.25
CA CYS A 199 -11.68 19.55 -4.79
C CYS A 199 -12.96 20.32 -4.49
N GLY A 200 -12.84 21.64 -4.42
CA GLY A 200 -14.02 22.47 -4.20
C GLY A 200 -14.54 22.83 -5.57
N SER A 201 -15.68 23.51 -5.64
CA SER A 201 -16.27 23.90 -6.92
C SER A 201 -15.29 24.81 -7.69
N SER A 202 -14.55 25.63 -6.94
CA SER A 202 -13.57 26.53 -7.53
C SER A 202 -12.25 26.29 -6.81
N ILE A 203 -11.17 26.18 -7.58
CA ILE A 203 -9.85 25.92 -7.01
C ILE A 203 -8.75 26.82 -7.55
N GLU A 204 -7.71 27.02 -6.74
CA GLU A 204 -6.59 27.85 -7.11
C GLU A 204 -5.58 27.11 -7.98
N PHE A 205 -4.94 27.83 -8.89
CA PHE A 205 -3.91 27.28 -9.78
C PHE A 205 -2.72 28.18 -9.42
N PRO A 206 -1.99 27.83 -8.35
CA PRO A 206 -0.83 28.60 -7.88
C PRO A 206 0.34 28.74 -8.82
N THR A 207 1.00 29.88 -8.74
CA THR A 207 2.18 30.14 -9.57
C THR A 207 3.30 29.27 -9.03
N PHE A 208 4.31 29.00 -9.86
CA PHE A 208 5.45 28.22 -9.41
C PHE A 208 6.71 29.01 -9.73
N TYR B 1 21.81 -14.54 -1.10
CA TYR B 1 20.69 -14.88 -0.18
C TYR B 1 19.74 -15.87 -0.84
N VAL B 2 19.00 -16.63 -0.04
CA VAL B 2 18.09 -17.62 -0.59
C VAL B 2 16.66 -17.14 -0.77
N GLU B 3 16.08 -17.43 -1.93
CA GLU B 3 14.70 -17.06 -2.23
C GLU B 3 13.86 -18.31 -2.37
N PHE B 4 12.58 -18.22 -1.97
CA PHE B 4 11.67 -19.35 -2.07
C PHE B 4 10.41 -19.02 -2.86
N ALA B 5 10.26 -17.76 -3.25
CA ALA B 5 9.10 -17.32 -4.04
C ALA B 5 9.54 -16.41 -5.18
N GLN B 6 8.70 -16.30 -6.21
CA GLN B 6 9.05 -15.48 -7.37
C GLN B 6 8.75 -13.98 -7.37
N ASP B 7 7.62 -13.56 -6.82
CA ASP B 7 7.29 -12.13 -6.82
C ASP B 7 7.43 -11.39 -5.50
N PHE B 8 7.62 -12.13 -4.41
CA PHE B 8 7.80 -11.51 -3.10
C PHE B 8 8.85 -12.36 -2.38
N ASP B 9 9.37 -11.85 -1.27
CA ASP B 9 10.43 -12.54 -0.56
C ASP B 9 10.08 -13.50 0.57
N PHE B 10 9.19 -13.08 1.48
CA PHE B 10 8.82 -13.94 2.60
C PHE B 10 7.42 -13.60 3.12
N PHE B 11 7.01 -14.23 4.22
CA PHE B 11 5.70 -13.97 4.81
C PHE B 11 5.82 -13.53 6.26
N TYR B 12 4.88 -12.67 6.68
CA TYR B 12 4.76 -12.27 8.08
C TYR B 12 3.48 -12.99 8.51
N PHE B 13 3.53 -13.77 9.58
CA PHE B 13 2.32 -14.41 10.09
C PHE B 13 1.98 -13.51 11.27
N VAL B 14 0.88 -12.77 11.16
CA VAL B 14 0.48 -11.80 12.18
C VAL B 14 -0.74 -12.15 13.02
N GLN B 15 -0.58 -12.01 14.33
CA GLN B 15 -1.66 -12.27 15.28
C GLN B 15 -1.89 -11.02 16.14
N GLN B 16 -3.14 -10.82 16.55
CA GLN B 16 -3.50 -9.65 17.36
C GLN B 16 -4.01 -10.06 18.74
N TRP B 17 -3.79 -9.19 19.74
CA TRP B 17 -4.31 -9.46 21.08
C TRP B 17 -5.63 -8.70 21.18
N PRO B 18 -6.75 -9.41 21.36
CA PRO B 18 -8.05 -8.74 21.46
C PRO B 18 -8.16 -7.64 22.51
N GLY B 19 -7.47 -7.83 23.63
CA GLY B 19 -7.53 -6.83 24.69
C GLY B 19 -6.94 -5.50 24.28
N SER B 20 -6.08 -5.53 23.26
CA SER B 20 -5.44 -4.30 22.78
C SER B 20 -6.18 -3.69 21.61
N TYR B 21 -7.02 -4.48 20.94
CA TYR B 21 -7.79 -3.95 19.83
C TYR B 21 -9.07 -3.31 20.36
N CYS B 22 -9.51 -3.76 21.53
CA CYS B 22 -10.75 -3.29 22.13
C CYS B 22 -10.70 -2.23 23.20
N ASP B 23 -9.51 -1.76 23.58
CA ASP B 23 -9.39 -0.76 24.63
C ASP B 23 -8.83 0.57 24.16
N THR B 24 -9.07 0.91 22.89
CA THR B 24 -8.58 2.16 22.34
C THR B 24 -9.73 3.15 22.20
N LYS B 25 -9.45 4.31 21.62
CA LYS B 25 -10.47 5.33 21.44
C LYS B 25 -11.46 4.91 20.36
N GLN B 26 -11.09 3.91 19.57
CA GLN B 26 -11.97 3.42 18.51
C GLN B 26 -12.85 2.30 19.06
N SER B 27 -13.99 2.10 18.40
CA SER B 27 -14.93 1.07 18.84
C SER B 27 -14.54 -0.30 18.33
N CYS B 28 -14.89 -1.33 19.10
CA CYS B 28 -14.64 -2.71 18.72
C CYS B 28 -15.94 -3.43 19.02
N CYS B 29 -16.24 -4.46 18.25
CA CYS B 29 -17.48 -5.23 18.42
C CYS B 29 -17.18 -6.72 18.37
N TYR B 30 -17.70 -7.47 19.34
CA TYR B 30 -17.48 -8.91 19.32
C TYR B 30 -18.25 -9.42 18.12
N PRO B 31 -17.71 -10.44 17.43
CA PRO B 31 -18.40 -11.00 16.26
C PRO B 31 -19.71 -11.70 16.65
N LYS B 32 -20.50 -12.06 15.66
CA LYS B 32 -21.78 -12.72 15.91
C LYS B 32 -21.64 -14.05 16.65
N THR B 33 -20.46 -14.65 16.62
CA THR B 33 -20.24 -15.92 17.32
C THR B 33 -20.07 -15.68 18.81
N GLY B 34 -19.98 -14.41 19.21
CA GLY B 34 -19.83 -14.07 20.62
C GLY B 34 -18.44 -13.58 21.00
N LYS B 35 -18.26 -13.26 22.27
CA LYS B 35 -16.97 -12.79 22.75
C LYS B 35 -15.92 -13.86 22.50
N PRO B 36 -14.84 -13.49 21.78
CA PRO B 36 -13.80 -14.48 21.49
C PRO B 36 -13.09 -14.93 22.77
N ALA B 37 -12.39 -16.05 22.66
CA ALA B 37 -11.64 -16.56 23.79
C ALA B 37 -10.53 -15.55 24.06
N SER B 38 -10.06 -15.51 25.29
CA SER B 38 -9.00 -14.58 25.65
C SER B 38 -7.66 -15.16 25.22
N ASP B 39 -7.43 -15.11 23.92
CA ASP B 39 -6.20 -15.63 23.31
C ASP B 39 -5.93 -14.78 22.07
N PHE B 40 -4.70 -14.87 21.56
CA PHE B 40 -4.38 -14.11 20.36
C PHE B 40 -5.24 -14.64 19.21
N GLY B 41 -5.60 -13.76 18.29
CA GLY B 41 -6.38 -14.15 17.14
C GLY B 41 -5.58 -13.83 15.90
N ILE B 42 -5.82 -14.56 14.82
CA ILE B 42 -5.09 -14.30 13.58
C ILE B 42 -5.53 -12.99 12.94
N HIS B 43 -4.57 -12.22 12.44
CA HIS B 43 -4.93 -11.02 11.71
C HIS B 43 -4.79 -11.47 10.25
N GLY B 44 -3.63 -12.00 9.89
CA GLY B 44 -3.43 -12.48 8.53
C GLY B 44 -2.03 -13.00 8.22
N LEU B 45 -1.88 -13.56 7.03
CA LEU B 45 -0.59 -14.07 6.55
C LEU B 45 -0.24 -13.09 5.44
N TRP B 46 0.82 -12.32 5.64
CA TRP B 46 1.17 -11.27 4.68
C TRP B 46 2.49 -11.38 3.91
N PRO B 47 2.41 -11.52 2.58
CA PRO B 47 3.64 -11.58 1.80
C PRO B 47 4.37 -10.26 2.06
N ASN B 48 5.70 -10.30 2.18
CA ASN B 48 6.49 -9.09 2.47
C ASN B 48 7.85 -9.23 1.79
N ASN B 49 8.53 -8.10 1.62
CA ASN B 49 9.82 -8.10 0.95
C ASN B 49 10.99 -7.72 1.86
N ASN B 50 12.19 -8.12 1.44
CA ASN B 50 13.40 -7.85 2.21
C ASN B 50 13.72 -6.36 2.39
N ASP B 51 13.19 -5.53 1.50
CA ASP B 51 13.45 -4.09 1.61
C ASP B 51 12.37 -3.35 2.40
N GLY B 52 11.45 -4.11 2.99
CA GLY B 52 10.39 -3.49 3.78
C GLY B 52 9.08 -3.25 3.06
N SER B 53 9.11 -3.32 1.74
CA SER B 53 7.90 -3.13 0.94
C SER B 53 7.10 -4.41 0.99
N TYR B 54 5.87 -4.37 0.47
CA TYR B 54 5.04 -5.55 0.42
C TYR B 54 4.05 -5.42 -0.70
N PRO B 55 3.73 -6.54 -1.38
CA PRO B 55 2.76 -6.50 -2.48
C PRO B 55 1.36 -6.43 -1.88
N SER B 56 0.43 -5.82 -2.60
CA SER B 56 -0.94 -5.74 -2.12
C SER B 56 -1.93 -5.67 -3.28
N ASN B 57 -3.11 -6.25 -3.06
CA ASN B 57 -4.20 -6.29 -4.05
C ASN B 57 -3.72 -6.75 -5.43
N CYS B 58 -3.13 -7.93 -5.44
CA CYS B 58 -2.55 -8.50 -6.64
C CYS B 58 -3.51 -9.16 -7.65
N ASP B 59 -4.77 -9.33 -7.28
CA ASP B 59 -5.73 -9.95 -8.20
C ASP B 59 -7.19 -9.65 -7.85
N SER B 60 -7.72 -8.56 -8.40
CA SER B 60 -9.10 -8.17 -8.13
C SER B 60 -10.10 -9.13 -8.76
N ASN B 61 -9.61 -10.02 -9.62
CA ASN B 61 -10.47 -11.00 -10.29
C ASN B 61 -10.58 -12.29 -9.48
N SER B 62 -10.01 -12.30 -8.28
CA SER B 62 -10.07 -13.47 -7.41
C SER B 62 -10.76 -13.10 -6.10
N PRO B 63 -12.09 -12.94 -6.14
CA PRO B 63 -12.82 -12.58 -4.92
C PRO B 63 -12.91 -13.74 -3.93
N TYR B 64 -12.96 -13.39 -2.65
CA TYR B 64 -13.06 -14.37 -1.59
C TYR B 64 -14.40 -15.10 -1.72
N ASP B 65 -14.37 -16.42 -1.58
CA ASP B 65 -15.58 -17.24 -1.64
C ASP B 65 -15.52 -18.20 -0.46
N GLN B 66 -16.48 -18.09 0.44
CA GLN B 66 -16.51 -18.94 1.62
C GLN B 66 -16.56 -20.42 1.28
N SER B 67 -17.05 -20.74 0.08
CA SER B 67 -17.12 -22.13 -0.34
C SER B 67 -15.72 -22.74 -0.40
N GLN B 68 -14.74 -21.91 -0.72
CA GLN B 68 -13.36 -22.36 -0.82
C GLN B 68 -12.76 -22.74 0.52
N VAL B 69 -13.39 -22.33 1.61
CA VAL B 69 -12.88 -22.64 2.95
C VAL B 69 -13.94 -23.24 3.87
N SER B 70 -14.98 -23.83 3.29
CA SER B 70 -16.07 -24.41 4.08
C SER B 70 -15.63 -25.35 5.19
N ASP B 71 -14.62 -26.18 4.93
CA ASP B 71 -14.13 -27.14 5.92
C ASP B 71 -13.19 -26.53 6.96
N LEU B 72 -12.93 -25.22 6.83
CA LEU B 72 -12.04 -24.53 7.75
C LEU B 72 -12.79 -23.47 8.57
N ILE B 73 -14.06 -23.27 8.23
CA ILE B 73 -14.89 -22.26 8.88
C ILE B 73 -14.92 -22.33 10.41
N SER B 74 -15.09 -23.53 10.97
CA SER B 74 -15.13 -23.65 12.42
C SER B 74 -13.83 -23.16 13.04
N ARG B 75 -12.69 -23.57 12.47
CA ARG B 75 -11.39 -23.15 12.97
C ARG B 75 -11.23 -21.63 12.80
N MET B 76 -11.73 -21.11 11.70
CA MET B 76 -11.63 -19.68 11.44
C MET B 76 -12.47 -18.88 12.44
N GLN B 77 -13.67 -19.37 12.74
CA GLN B 77 -14.51 -18.67 13.70
C GLN B 77 -13.86 -18.60 15.08
N GLN B 78 -13.17 -19.66 15.47
CA GLN B 78 -12.52 -19.74 16.77
C GLN B 78 -11.17 -19.05 16.86
N ASN B 79 -10.41 -19.08 15.77
CA ASN B 79 -9.06 -18.53 15.77
C ASN B 79 -8.81 -17.26 14.97
N TRP B 80 -9.77 -16.87 14.14
CA TRP B 80 -9.62 -15.69 13.29
C TRP B 80 -10.84 -14.76 13.41
N PRO B 81 -11.25 -14.43 14.64
CA PRO B 81 -12.42 -13.56 14.79
C PRO B 81 -12.23 -12.12 14.32
N THR B 82 -13.32 -11.48 13.93
CA THR B 82 -13.27 -10.09 13.54
C THR B 82 -13.78 -9.30 14.74
N LEU B 83 -13.12 -8.18 15.04
CA LEU B 83 -13.51 -7.35 16.17
C LEU B 83 -13.97 -5.97 15.72
N ALA B 84 -14.21 -5.83 14.41
CA ALA B 84 -14.66 -4.55 13.88
C ALA B 84 -16.17 -4.36 14.08
N CYS B 85 -16.61 -3.11 14.01
CA CYS B 85 -18.02 -2.80 14.16
C CYS B 85 -18.64 -2.45 12.82
N PRO B 86 -19.93 -2.80 12.61
CA PRO B 86 -20.78 -3.48 13.59
C PRO B 86 -20.45 -4.97 13.65
N SER B 87 -20.97 -5.63 14.68
CA SER B 87 -20.73 -7.06 14.87
C SER B 87 -20.88 -7.81 13.55
N GLY B 88 -19.85 -8.55 13.17
CA GLY B 88 -19.89 -9.29 11.91
C GLY B 88 -19.69 -10.79 12.04
N THR B 89 -19.91 -11.50 10.94
CA THR B 89 -19.74 -12.95 10.94
C THR B 89 -18.28 -13.30 10.80
N GLY B 90 -17.51 -12.38 10.22
CA GLY B 90 -16.10 -12.58 10.01
C GLY B 90 -15.76 -12.58 8.53
N SER B 91 -16.77 -12.87 7.70
CA SER B 91 -16.58 -12.94 6.24
C SER B 91 -15.94 -11.70 5.61
N ALA B 92 -16.33 -10.52 6.09
CA ALA B 92 -15.78 -9.28 5.55
C ALA B 92 -14.29 -9.15 5.87
N PHE B 93 -13.91 -9.64 7.04
CA PHE B 93 -12.51 -9.58 7.48
C PHE B 93 -11.67 -10.59 6.68
N TRP B 94 -12.17 -11.81 6.56
CA TRP B 94 -11.44 -12.84 5.84
C TRP B 94 -11.34 -12.47 4.36
N SER B 95 -12.40 -11.87 3.83
CA SER B 95 -12.43 -11.44 2.44
C SER B 95 -11.35 -10.38 2.21
N HIS B 96 -11.26 -9.43 3.15
CA HIS B 96 -10.27 -8.36 3.04
C HIS B 96 -8.84 -8.91 3.07
N GLU B 97 -8.57 -9.85 3.98
CA GLU B 97 -7.23 -10.42 4.05
C GLU B 97 -6.85 -11.15 2.77
N TRP B 98 -7.81 -11.85 2.17
CA TRP B 98 -7.52 -12.56 0.94
C TRP B 98 -7.29 -11.56 -0.21
N GLU B 99 -8.21 -10.63 -0.38
CA GLU B 99 -8.09 -9.64 -1.46
C GLU B 99 -6.80 -8.83 -1.39
N LYS B 100 -6.47 -8.34 -0.20
CA LYS B 100 -5.28 -7.52 -0.04
C LYS B 100 -3.95 -8.28 0.02
N HIS B 101 -3.92 -9.37 0.77
CA HIS B 101 -2.69 -10.13 0.95
C HIS B 101 -2.63 -11.49 0.27
N GLY B 102 -3.68 -12.29 0.47
CA GLY B 102 -3.72 -13.62 -0.12
C GLY B 102 -3.50 -13.68 -1.62
N THR B 103 -4.15 -12.80 -2.35
CA THR B 103 -4.01 -12.79 -3.80
C THR B 103 -2.56 -12.64 -4.25
N CYS B 104 -1.75 -11.99 -3.43
CA CYS B 104 -0.35 -11.78 -3.77
C CYS B 104 0.51 -13.04 -3.63
N ALA B 105 -0.09 -14.08 -3.07
CA ALA B 105 0.61 -15.35 -2.90
C ALA B 105 -0.21 -16.45 -3.57
N GLU B 106 -1.13 -16.04 -4.44
CA GLU B 106 -2.02 -16.98 -5.13
C GLU B 106 -1.30 -18.03 -5.96
N ASN B 107 -0.04 -17.77 -6.30
CA ASN B 107 0.72 -18.75 -7.07
C ASN B 107 1.53 -19.67 -6.16
N VAL B 108 1.26 -19.55 -4.86
CA VAL B 108 1.89 -20.38 -3.84
C VAL B 108 0.78 -21.15 -3.14
N PHE B 109 -0.28 -20.43 -2.78
CA PHE B 109 -1.45 -21.02 -2.10
C PHE B 109 -2.74 -20.48 -2.68
N ASP B 110 -3.74 -21.34 -2.88
CA ASP B 110 -5.03 -20.85 -3.34
C ASP B 110 -5.77 -20.45 -2.06
N GLN B 111 -7.02 -20.01 -2.17
CA GLN B 111 -7.75 -19.58 -0.98
C GLN B 111 -7.75 -20.59 0.16
N HIS B 112 -8.10 -21.84 -0.14
CA HIS B 112 -8.13 -22.86 0.89
C HIS B 112 -6.74 -23.04 1.53
N GLY B 113 -5.71 -23.09 0.69
CA GLY B 113 -4.36 -23.27 1.19
C GLY B 113 -3.88 -22.12 2.06
N TYR B 114 -4.26 -20.91 1.66
CA TYR B 114 -3.88 -19.70 2.39
C TYR B 114 -4.46 -19.70 3.80
N PHE B 115 -5.78 -19.88 3.90
CA PHE B 115 -6.40 -19.88 5.20
C PHE B 115 -5.93 -21.06 6.05
N LYS B 116 -5.75 -22.23 5.43
CA LYS B 116 -5.29 -23.40 6.14
C LYS B 116 -3.88 -23.18 6.69
N LYS B 117 -3.01 -22.55 5.90
CA LYS B 117 -1.64 -22.31 6.35
C LYS B 117 -1.62 -21.40 7.58
N ALA B 118 -2.41 -20.33 7.56
CA ALA B 118 -2.49 -19.41 8.69
C ALA B 118 -2.99 -20.15 9.94
N LEU B 119 -4.04 -20.96 9.76
CA LEU B 119 -4.60 -21.73 10.87
C LEU B 119 -3.55 -22.70 11.44
N ASP B 120 -2.81 -23.36 10.53
CA ASP B 120 -1.79 -24.32 10.94
C ASP B 120 -0.65 -23.63 11.70
N LEU B 121 -0.26 -22.45 11.25
CA LEU B 121 0.80 -21.71 11.92
C LEU B 121 0.38 -21.34 13.34
N LYS B 122 -0.89 -20.95 13.51
CA LYS B 122 -1.35 -20.60 14.84
C LYS B 122 -1.34 -21.82 15.75
N ASN B 123 -1.63 -23.00 15.19
CA ASN B 123 -1.62 -24.22 15.99
C ASN B 123 -0.19 -24.48 16.47
N GLN B 124 0.76 -24.21 15.59
CA GLN B 124 2.18 -24.43 15.90
C GLN B 124 2.78 -23.43 16.88
N ILE B 125 2.28 -22.20 16.87
CA ILE B 125 2.81 -21.17 17.74
C ILE B 125 1.76 -20.60 18.70
N ASN B 126 1.75 -21.12 19.92
CA ASN B 126 0.80 -20.66 20.93
C ASN B 126 1.44 -19.53 21.72
N LEU B 127 1.26 -18.31 21.24
CA LEU B 127 1.83 -17.13 21.87
C LEU B 127 1.44 -16.90 23.33
N LEU B 128 0.16 -17.07 23.66
CA LEU B 128 -0.28 -16.87 25.03
C LEU B 128 0.41 -17.85 25.99
N GLU B 129 0.47 -19.12 25.59
CA GLU B 129 1.11 -20.12 26.44
C GLU B 129 2.61 -19.83 26.60
N ILE B 130 3.25 -19.41 25.52
CA ILE B 130 4.67 -19.10 25.56
C ILE B 130 4.92 -17.94 26.52
N LEU B 131 4.11 -16.90 26.39
CA LEU B 131 4.27 -15.72 27.26
C LEU B 131 3.96 -16.00 28.72
N GLN B 132 2.85 -16.68 28.99
CA GLN B 132 2.50 -16.96 30.38
C GLN B 132 3.51 -17.91 31.00
N GLY B 133 4.13 -18.75 30.18
CA GLY B 133 5.13 -19.67 30.68
C GLY B 133 6.33 -18.90 31.18
N ALA B 134 6.56 -17.72 30.60
CA ALA B 134 7.66 -16.85 30.97
C ALA B 134 7.22 -15.77 31.96
N GLY B 135 6.07 -15.98 32.61
CA GLY B 135 5.58 -15.03 33.59
C GLY B 135 5.03 -13.71 33.06
N ILE B 136 4.61 -13.70 31.80
CA ILE B 136 4.05 -12.49 31.18
C ILE B 136 2.58 -12.79 30.95
N HIS B 137 1.72 -12.14 31.73
CA HIS B 137 0.27 -12.37 31.64
C HIS B 137 -0.54 -11.15 31.26
N PRO B 138 -1.72 -11.36 30.65
CA PRO B 138 -2.62 -10.29 30.23
C PRO B 138 -3.44 -9.81 31.43
N ASP B 139 -2.76 -9.24 32.41
CA ASP B 139 -3.40 -8.77 33.64
C ASP B 139 -3.44 -7.25 33.76
N GLY B 140 -3.09 -6.55 32.69
CA GLY B 140 -3.10 -5.09 32.73
C GLY B 140 -1.80 -4.49 33.22
N GLY B 141 -0.86 -5.35 33.61
CA GLY B 141 0.41 -4.86 34.09
C GLY B 141 1.35 -4.53 32.94
N PHE B 142 2.48 -3.91 33.27
CA PHE B 142 3.47 -3.58 32.26
C PHE B 142 4.60 -4.60 32.28
N TYR B 143 5.15 -4.88 31.10
CA TYR B 143 6.24 -5.83 30.95
C TYR B 143 7.26 -5.27 29.97
N SER B 144 8.50 -5.71 30.10
CA SER B 144 9.56 -5.22 29.22
C SER B 144 9.44 -5.81 27.83
N LEU B 145 9.58 -4.95 26.83
CA LEU B 145 9.52 -5.38 25.43
C LEU B 145 10.54 -6.48 25.18
N ASN B 146 11.72 -6.31 25.76
CA ASN B 146 12.79 -7.29 25.60
C ASN B 146 12.43 -8.67 26.15
N SER B 147 11.76 -8.71 27.30
CA SER B 147 11.37 -10.00 27.89
C SER B 147 10.34 -10.71 27.02
N ILE B 148 9.48 -9.94 26.38
CA ILE B 148 8.46 -10.51 25.51
C ILE B 148 9.12 -11.12 24.28
N LYS B 149 10.08 -10.40 23.70
CA LYS B 149 10.79 -10.89 22.54
C LYS B 149 11.64 -12.11 22.87
N ASN B 150 12.34 -12.07 24.00
CA ASN B 150 13.19 -13.19 24.42
C ASN B 150 12.38 -14.45 24.67
N ALA B 151 11.20 -14.31 25.28
CA ALA B 151 10.36 -15.46 25.57
C ALA B 151 9.98 -16.16 24.27
N ILE B 152 9.53 -15.39 23.29
CA ILE B 152 9.13 -15.97 22.02
C ILE B 152 10.31 -16.55 21.25
N ARG B 153 11.44 -15.84 21.27
CA ARG B 153 12.63 -16.31 20.57
C ARG B 153 13.12 -17.63 21.17
N SER B 154 13.08 -17.74 22.49
CA SER B 154 13.53 -18.96 23.13
C SER B 154 12.64 -20.14 22.76
N ALA B 155 11.37 -19.87 22.55
CA ALA B 155 10.41 -20.92 22.20
C ALA B 155 10.39 -21.37 20.75
N ILE B 156 10.43 -20.42 19.82
CA ILE B 156 10.39 -20.78 18.40
C ILE B 156 11.72 -20.73 17.66
N GLY B 157 12.74 -20.15 18.29
CA GLY B 157 14.04 -20.11 17.66
C GLY B 157 14.42 -18.83 16.93
N TYR B 158 13.47 -17.92 16.76
CA TYR B 158 13.74 -16.66 16.08
C TYR B 158 13.01 -15.51 16.77
N ALA B 159 13.56 -14.31 16.64
CA ALA B 159 12.95 -13.14 17.25
C ALA B 159 11.70 -12.74 16.47
N PRO B 160 10.63 -12.38 17.18
CA PRO B 160 9.40 -11.98 16.50
C PRO B 160 9.38 -10.47 16.32
N GLY B 161 8.46 -10.00 15.47
CA GLY B 161 8.30 -8.58 15.30
C GLY B 161 7.21 -8.26 16.29
N ILE B 162 7.31 -7.11 16.97
CA ILE B 162 6.30 -6.72 17.95
C ILE B 162 5.80 -5.32 17.61
N GLU B 163 4.49 -5.20 17.45
CA GLU B 163 3.89 -3.91 17.14
C GLU B 163 2.97 -3.50 18.29
N CYS B 164 3.04 -2.23 18.66
CA CYS B 164 2.22 -1.69 19.73
C CYS B 164 1.27 -0.62 19.24
N ASN B 165 0.09 -0.56 19.85
CA ASN B 165 -0.83 0.52 19.54
C ASN B 165 -1.02 1.25 20.87
N VAL B 166 -1.94 2.21 20.93
CA VAL B 166 -2.12 2.99 22.15
C VAL B 166 -3.49 2.83 22.81
N ASP B 167 -3.49 2.67 24.13
CA ASP B 167 -4.75 2.54 24.87
C ASP B 167 -5.33 3.91 25.20
N GLU B 168 -6.46 3.93 25.91
CA GLU B 168 -7.13 5.17 26.27
C GLU B 168 -6.28 6.18 27.05
N SER B 169 -5.35 5.69 27.86
CA SER B 169 -4.50 6.59 28.63
C SER B 169 -3.30 7.07 27.83
N GLY B 170 -3.11 6.48 26.65
CA GLY B 170 -2.00 6.85 25.79
C GLY B 170 -0.83 5.91 25.85
N ASN B 171 -0.94 4.86 26.68
CA ASN B 171 0.14 3.89 26.85
C ASN B 171 0.29 2.87 25.72
N SER B 172 1.54 2.55 25.42
CA SER B 172 1.86 1.55 24.40
C SER B 172 1.52 0.19 24.99
N GLN B 173 0.92 -0.67 24.18
CA GLN B 173 0.53 -2.00 24.64
C GLN B 173 0.84 -3.05 23.60
N LEU B 174 1.02 -4.28 24.07
CA LEU B 174 1.31 -5.41 23.19
C LEU B 174 0.07 -5.63 22.32
N TYR B 175 0.18 -5.31 21.04
CA TYR B 175 -0.94 -5.41 20.11
C TYR B 175 -0.82 -6.53 19.09
N GLN B 176 0.24 -6.53 18.28
CA GLN B 176 0.43 -7.59 17.30
C GLN B 176 1.82 -8.20 17.33
N ILE B 177 1.87 -9.50 17.05
CA ILE B 177 3.13 -10.23 17.03
C ILE B 177 3.31 -10.82 15.64
N TYR B 178 4.47 -10.53 15.05
CA TYR B 178 4.81 -10.98 13.70
C TYR B 178 5.84 -12.10 13.71
N ILE B 179 5.53 -13.20 13.04
CA ILE B 179 6.46 -14.33 12.94
C ILE B 179 6.83 -14.49 11.46
N CYS B 180 8.11 -14.57 11.17
CA CYS B 180 8.56 -14.71 9.78
C CYS B 180 8.65 -16.16 9.29
N VAL B 181 8.16 -16.36 8.06
CA VAL B 181 8.15 -17.66 7.40
C VAL B 181 8.73 -17.48 6.00
N ASP B 182 9.45 -18.48 5.48
CA ASP B 182 10.03 -18.29 4.15
C ASP B 182 8.98 -18.24 3.06
N GLY B 183 9.42 -17.85 1.87
CA GLY B 183 8.52 -17.71 0.72
C GLY B 183 7.71 -18.91 0.31
N SER B 184 8.10 -20.10 0.75
CA SER B 184 7.35 -21.30 0.41
C SER B 184 6.28 -21.55 1.46
N GLY B 185 6.38 -20.85 2.58
CA GLY B 185 5.44 -21.00 3.67
C GLY B 185 5.64 -22.29 4.44
N SER B 186 6.78 -22.94 4.21
CA SER B 186 7.08 -24.21 4.86
C SER B 186 7.99 -24.18 6.08
N ASN B 187 8.71 -23.08 6.30
CA ASN B 187 9.61 -23.02 7.44
C ASN B 187 9.79 -21.64 8.04
N LEU B 188 9.99 -21.60 9.36
CA LEU B 188 10.22 -20.34 10.05
C LEU B 188 11.64 -19.92 9.70
N ILE B 189 11.87 -18.61 9.66
CA ILE B 189 13.19 -18.07 9.35
C ILE B 189 13.43 -16.81 10.17
N GLU B 190 14.68 -16.37 10.23
CA GLU B 190 14.98 -15.14 10.93
C GLU B 190 14.38 -14.06 10.02
N CYS B 191 13.74 -13.07 10.62
CA CYS B 191 13.13 -11.99 9.85
C CYS B 191 14.16 -11.15 9.10
N PRO B 192 13.99 -11.00 7.78
CA PRO B 192 14.96 -10.20 7.01
C PRO B 192 14.82 -8.74 7.42
N ILE B 193 13.61 -8.37 7.84
CA ILE B 193 13.31 -7.01 8.25
C ILE B 193 12.06 -7.07 9.14
N PHE B 194 11.98 -6.16 10.12
CA PHE B 194 10.87 -6.11 11.07
C PHE B 194 9.97 -4.89 10.92
N PRO B 195 8.71 -5.00 11.35
CA PRO B 195 7.79 -3.88 11.25
C PRO B 195 8.16 -2.82 12.30
N ARG B 196 7.85 -1.56 12.01
CA ARG B 196 8.13 -0.48 12.96
C ARG B 196 7.19 -0.77 14.13
N GLY B 197 7.76 -1.08 15.29
CA GLY B 197 6.97 -1.42 16.45
C GLY B 197 6.22 -0.30 17.16
N LYS B 198 6.87 0.85 17.32
CA LYS B 198 6.27 1.98 18.01
C LYS B 198 6.03 1.59 19.47
N CYS B 199 6.91 0.75 20.00
CA CYS B 199 6.79 0.29 21.37
C CYS B 199 7.80 0.95 22.30
N GLY B 200 7.40 1.17 23.55
CA GLY B 200 8.31 1.75 24.51
C GLY B 200 9.04 0.57 25.12
N SER B 201 9.99 0.82 26.03
CA SER B 201 10.72 -0.27 26.64
C SER B 201 9.81 -1.10 27.56
N SER B 202 8.76 -0.48 28.08
CA SER B 202 7.77 -1.16 28.93
C SER B 202 6.41 -1.00 28.26
N ILE B 203 5.70 -2.12 28.07
CA ILE B 203 4.39 -2.04 27.44
C ILE B 203 3.35 -2.83 28.24
N GLU B 204 2.10 -2.40 28.17
CA GLU B 204 1.05 -3.10 28.90
C GLU B 204 0.49 -4.29 28.13
N PHE B 205 0.13 -5.33 28.87
CA PHE B 205 -0.48 -6.52 28.29
C PHE B 205 -1.87 -6.46 28.93
N PRO B 206 -2.81 -5.76 28.29
CA PRO B 206 -4.18 -5.59 28.80
C PRO B 206 -5.03 -6.85 28.93
N THR B 207 -6.00 -6.76 29.82
CA THR B 207 -6.94 -7.85 30.06
C THR B 207 -7.94 -7.92 28.92
N PHE B 208 -8.66 -9.04 28.84
CA PHE B 208 -9.71 -9.20 27.85
C PHE B 208 -10.77 -10.13 28.42
#